data_1WMZ
#
_entry.id   1WMZ
#
_cell.length_a   39.580
_cell.length_b   52.240
_cell.length_c   136.590
_cell.angle_alpha   90.00
_cell.angle_beta   91.66
_cell.angle_gamma   90.00
#
_symmetry.space_group_name_H-M   'P 1 21 1'
#
loop_
_entity.id
_entity.type
_entity.pdbx_description
1 polymer 'lectin CEL-I, N-acetyl-D-galactosamine-specific C-type'
2 non-polymer 2-acetamido-2-deoxy-beta-D-galactopyranose
3 non-polymer 'CALCIUM ION'
4 non-polymer 2-acetamido-2-deoxy-alpha-D-galactopyranose
5 water water
#
_entity_poly.entity_id   1
_entity_poly.type   'polypeptide(L)'
_entity_poly.pdbx_seq_one_letter_code
;NQCPTDWEAEGDHCYRFFNTLTTWENAHHECVSYSCSTLNVRSDLVSVHSAAEQAYVFNYWRGIDSQAGQLWIGLYDKYN
EGDFIWTDGSKVGYTKWAGGQPDNWNNAEDYGQFRHTEGGAWNDNSAAAQAKYMCKLTFE
;
_entity_poly.pdbx_strand_id   A,B,C,D
#
# COMPACT_ATOMS: atom_id res chain seq x y z
N ASN A 1 12.26 -0.86 -16.51
CA ASN A 1 11.49 -2.12 -16.29
C ASN A 1 10.39 -1.97 -15.23
N GLN A 2 9.57 -3.01 -15.08
CA GLN A 2 8.43 -2.92 -14.16
C GLN A 2 8.60 -3.83 -12.95
N CYS A 3 9.84 -4.09 -12.56
CA CYS A 3 10.11 -4.98 -11.42
C CYS A 3 10.03 -4.18 -10.14
N PRO A 4 9.55 -4.80 -9.07
CA PRO A 4 9.67 -4.20 -7.75
C PRO A 4 11.13 -3.82 -7.43
N THR A 5 11.27 -2.82 -6.57
CA THR A 5 12.56 -2.35 -6.09
C THR A 5 13.34 -3.50 -5.48
N ASP A 6 14.63 -3.55 -5.83
CA ASP A 6 15.56 -4.58 -5.37
C ASP A 6 15.40 -5.92 -6.08
N TRP A 7 14.51 -5.99 -7.08
CA TRP A 7 14.44 -7.14 -7.99
C TRP A 7 14.93 -6.72 -9.38
N GLU A 8 15.52 -7.67 -10.12
CA GLU A 8 16.15 -7.43 -11.40
C GLU A 8 15.27 -8.00 -12.48
N ALA A 9 15.19 -7.30 -13.60
CA ALA A 9 14.32 -7.69 -14.72
C ALA A 9 15.06 -8.54 -15.77
N GLU A 10 14.40 -9.56 -16.27
CA GLU A 10 14.90 -10.30 -17.42
C GLU A 10 13.72 -11.03 -18.01
N GLY A 11 13.42 -10.73 -19.28
CA GLY A 11 12.32 -11.37 -19.97
C GLY A 11 11.05 -10.99 -19.27
N ASP A 12 10.15 -11.96 -19.10
CA ASP A 12 8.86 -11.69 -18.46
C ASP A 12 8.91 -11.97 -16.93
N HIS A 13 10.09 -11.86 -16.34
CA HIS A 13 10.27 -12.24 -14.92
C HIS A 13 11.11 -11.21 -14.18
N CYS A 14 11.07 -11.24 -12.84
CA CYS A 14 11.97 -10.48 -11.97
C CYS A 14 12.69 -11.50 -11.11
N TYR A 15 13.94 -11.22 -10.75
CA TYR A 15 14.77 -12.11 -9.95
C TYR A 15 15.39 -11.35 -8.77
N ARG A 16 15.65 -12.06 -7.68
CA ARG A 16 16.32 -11.46 -6.54
C ARG A 16 17.21 -12.50 -5.83
N PHE A 17 18.50 -12.19 -5.76
CA PHE A 17 19.51 -12.98 -5.05
C PHE A 17 19.58 -12.63 -3.55
N PHE A 18 19.61 -13.65 -2.69
CA PHE A 18 19.72 -13.46 -1.25
C PHE A 18 20.99 -14.16 -0.79
N ASN A 19 21.95 -13.35 -0.32
CA ASN A 19 23.27 -13.87 0.05
C ASN A 19 23.34 -14.35 1.52
N THR A 20 22.55 -15.36 1.82
CA THR A 20 22.34 -15.89 3.15
C THR A 20 22.45 -17.41 2.98
N LEU A 21 23.32 -18.06 3.72
CA LEU A 21 23.30 -19.53 3.77
C LEU A 21 22.11 -19.99 4.56
N THR A 22 21.25 -20.80 3.95
CA THR A 22 20.14 -21.38 4.67
C THR A 22 19.79 -22.74 4.04
N THR A 23 18.82 -23.41 4.59
CA THR A 23 18.33 -24.69 4.06
C THR A 23 17.42 -24.46 2.85
N TRP A 24 17.25 -25.49 2.01
CA TRP A 24 16.32 -25.34 0.89
C TRP A 24 14.92 -25.00 1.37
N GLU A 25 14.48 -25.65 2.43
CA GLU A 25 13.11 -25.49 2.93
C GLU A 25 12.88 -24.06 3.35
N ASN A 26 13.88 -23.45 3.97
CA ASN A 26 13.73 -22.09 4.45
C ASN A 26 13.85 -21.07 3.31
N ALA A 27 14.76 -21.32 2.35
CA ALA A 27 14.83 -20.51 1.14
C ALA A 27 13.51 -20.55 0.39
N HIS A 28 12.88 -21.73 0.28
CA HIS A 28 11.61 -21.88 -0.42
C HIS A 28 10.53 -21.01 0.26
N HIS A 29 10.41 -21.19 1.58
CA HIS A 29 9.45 -20.42 2.40
C HIS A 29 9.69 -18.90 2.29
N GLU A 30 10.95 -18.48 2.28
CA GLU A 30 11.28 -17.06 2.15
C GLU A 30 10.81 -16.53 0.82
N CYS A 31 11.12 -17.24 -0.27
CA CYS A 31 10.76 -16.77 -1.61
C CYS A 31 9.24 -16.68 -1.69
N VAL A 32 8.53 -17.69 -1.23
CA VAL A 32 7.08 -17.73 -1.37
C VAL A 32 6.43 -16.57 -0.59
N SER A 33 7.07 -16.16 0.50
CA SER A 33 6.50 -15.10 1.35
C SER A 33 6.32 -13.73 0.64
N TYR A 34 7.04 -13.49 -0.45
CA TYR A 34 6.92 -12.24 -1.21
C TYR A 34 5.69 -12.23 -2.13
N SER A 35 5.06 -13.37 -2.33
CA SER A 35 3.95 -13.46 -3.29
C SER A 35 2.84 -12.46 -2.98
N CYS A 36 2.10 -12.10 -4.00
CA CYS A 36 1.01 -11.15 -3.85
C CYS A 36 -0.22 -11.57 -4.66
N SER A 37 -1.23 -12.02 -3.93
CA SER A 37 -2.46 -12.51 -4.54
C SER A 37 -3.26 -11.41 -5.25
N THR A 38 -3.24 -10.17 -4.75
CA THR A 38 -4.02 -9.12 -5.40
C THR A 38 -3.59 -8.84 -6.84
N LEU A 39 -2.34 -9.13 -7.18
CA LEU A 39 -1.86 -8.95 -8.55
C LEU A 39 -1.55 -10.31 -9.24
N ASN A 40 -1.89 -11.42 -8.56
CA ASN A 40 -1.51 -12.79 -9.00
C ASN A 40 -0.04 -12.90 -9.33
N VAL A 41 0.77 -12.32 -8.45
CA VAL A 41 2.22 -12.47 -8.54
C VAL A 41 2.68 -13.62 -7.63
N ARG A 42 3.16 -14.68 -8.24
CA ARG A 42 3.90 -15.73 -7.54
C ARG A 42 5.37 -15.34 -7.34
N SER A 43 5.83 -15.46 -6.10
CA SER A 43 7.26 -15.43 -5.84
C SER A 43 7.66 -16.84 -5.36
N ASP A 44 8.77 -17.34 -5.87
CA ASP A 44 9.13 -18.71 -5.58
C ASP A 44 10.61 -18.87 -5.84
N LEU A 45 11.18 -20.01 -5.43
CA LEU A 45 12.54 -20.30 -5.84
C LEU A 45 12.61 -20.28 -7.36
N VAL A 46 13.74 -19.86 -7.89
CA VAL A 46 13.96 -19.74 -9.33
C VAL A 46 13.77 -21.08 -10.07
N SER A 47 12.96 -21.06 -11.14
CA SER A 47 12.90 -22.16 -12.13
C SER A 47 13.68 -21.74 -13.35
N VAL A 48 14.26 -22.71 -14.06
CA VAL A 48 15.17 -22.41 -15.16
C VAL A 48 14.69 -23.16 -16.40
N HIS A 49 14.41 -22.44 -17.48
CA HIS A 49 13.73 -23.00 -18.67
C HIS A 49 14.47 -22.89 -19.99
N SER A 50 15.72 -22.45 -19.91
CA SER A 50 16.57 -22.34 -21.10
C SER A 50 18.02 -22.09 -20.69
N ALA A 51 18.91 -22.26 -21.66
CA ALA A 51 20.33 -21.97 -21.44
C ALA A 51 20.54 -20.48 -21.15
N ALA A 52 19.76 -19.63 -21.81
CA ALA A 52 19.84 -18.19 -21.60
C ALA A 52 19.44 -17.85 -20.15
N GLU A 53 18.36 -18.46 -19.67
CA GLU A 53 17.89 -18.21 -18.32
C GLU A 53 18.89 -18.77 -17.30
N GLN A 54 19.45 -19.95 -17.60
CA GLN A 54 20.53 -20.50 -16.78
C GLN A 54 21.72 -19.52 -16.66
N ALA A 55 22.18 -18.99 -17.79
CA ALA A 55 23.32 -18.08 -17.82
C ALA A 55 23.02 -16.79 -17.09
N TYR A 56 21.82 -16.26 -17.26
CA TYR A 56 21.45 -15.04 -16.56
C TYR A 56 21.47 -15.21 -15.03
N VAL A 57 20.82 -16.26 -14.56
CA VAL A 57 20.71 -16.56 -13.15
C VAL A 57 22.12 -16.76 -12.56
N PHE A 58 22.92 -17.57 -13.24
CA PHE A 58 24.27 -17.88 -12.77
C PHE A 58 25.12 -16.59 -12.73
N ASN A 59 25.08 -15.82 -13.81
CA ASN A 59 25.88 -14.59 -13.94
C ASN A 59 25.46 -13.52 -12.93
N TYR A 60 24.16 -13.43 -12.63
CA TYR A 60 23.64 -12.56 -11.58
C TYR A 60 24.20 -12.98 -10.22
N TRP A 61 24.12 -14.28 -9.93
CA TRP A 61 24.59 -14.82 -8.68
C TRP A 61 26.08 -14.54 -8.48
N ARG A 62 26.89 -14.94 -9.46
CA ARG A 62 28.35 -14.88 -9.34
C ARG A 62 28.91 -13.47 -9.56
N GLY A 63 28.05 -12.53 -9.96
CA GLY A 63 28.44 -11.12 -10.00
C GLY A 63 28.48 -10.53 -8.62
N ILE A 64 27.71 -11.10 -7.70
CA ILE A 64 27.62 -10.61 -6.32
C ILE A 64 28.41 -11.49 -5.35
N ASP A 65 28.32 -12.81 -5.55
CA ASP A 65 28.89 -13.79 -4.62
C ASP A 65 30.09 -14.46 -5.31
N SER A 66 31.27 -14.41 -4.70
CA SER A 66 32.41 -15.12 -5.30
C SER A 66 32.95 -16.24 -4.39
N GLN A 67 32.25 -16.54 -3.32
CA GLN A 67 32.60 -17.68 -2.46
C GLN A 67 32.30 -19.00 -3.18
N ALA A 68 33.13 -20.02 -2.93
CA ALA A 68 32.80 -21.39 -3.31
C ALA A 68 31.50 -21.77 -2.64
N GLY A 69 30.63 -22.44 -3.39
CA GLY A 69 29.37 -22.82 -2.81
C GLY A 69 28.30 -22.95 -3.87
N GLN A 70 27.09 -23.15 -3.36
CA GLN A 70 25.94 -23.46 -4.21
C GLN A 70 24.81 -22.43 -4.07
N LEU A 71 23.81 -22.55 -4.97
CA LEU A 71 22.65 -21.66 -5.04
C LEU A 71 21.40 -22.50 -5.20
N TRP A 72 20.48 -22.46 -4.24
CA TRP A 72 19.26 -23.24 -4.28
C TRP A 72 18.42 -22.79 -5.46
N ILE A 73 17.76 -23.75 -6.13
CA ILE A 73 16.79 -23.43 -7.15
C ILE A 73 15.54 -24.22 -6.79
N GLY A 74 14.42 -23.94 -7.44
CA GLY A 74 13.16 -24.55 -7.04
C GLY A 74 12.88 -25.99 -7.52
N LEU A 75 13.92 -26.76 -7.83
CA LEU A 75 13.74 -28.12 -8.36
C LEU A 75 13.84 -29.11 -7.20
N TYR A 76 12.92 -30.08 -7.14
CA TYR A 76 12.95 -31.06 -6.05
C TYR A 76 12.22 -32.33 -6.37
N ASP A 77 12.61 -33.42 -5.70
CA ASP A 77 11.99 -34.73 -5.90
C ASP A 77 11.57 -35.35 -4.55
N LYS A 78 11.25 -34.50 -3.58
CA LYS A 78 10.80 -34.92 -2.25
C LYS A 78 9.55 -35.80 -2.29
N TYR A 79 8.58 -35.40 -3.11
CA TYR A 79 7.27 -36.06 -3.15
C TYR A 79 7.34 -37.40 -3.90
N ASN A 80 8.07 -37.47 -5.01
CA ASN A 80 8.31 -38.74 -5.75
C ASN A 80 9.79 -38.90 -6.15
N GLU A 81 10.51 -39.74 -5.40
CA GLU A 81 11.94 -39.97 -5.63
C GLU A 81 12.27 -40.23 -7.09
N GLY A 82 13.22 -39.43 -7.60
CA GLY A 82 13.70 -39.48 -8.96
C GLY A 82 12.98 -38.64 -9.98
N ASP A 83 11.79 -38.14 -9.65
CA ASP A 83 10.98 -37.28 -10.49
C ASP A 83 11.12 -35.84 -10.03
N PHE A 84 12.04 -35.11 -10.66
CA PHE A 84 12.32 -33.72 -10.29
C PHE A 84 11.29 -32.81 -10.93
N ILE A 85 10.72 -31.93 -10.09
CA ILE A 85 9.70 -30.97 -10.52
C ILE A 85 10.03 -29.57 -9.99
N TRP A 86 9.44 -28.54 -10.62
CA TRP A 86 9.64 -27.16 -10.16
C TRP A 86 8.53 -26.76 -9.14
N THR A 87 8.93 -26.08 -8.07
CA THR A 87 7.96 -25.65 -7.06
C THR A 87 6.91 -24.69 -7.62
N ASP A 88 7.25 -23.93 -8.66
CA ASP A 88 6.29 -22.98 -9.22
C ASP A 88 5.25 -23.63 -10.15
N GLY A 89 5.32 -24.97 -10.29
CA GLY A 89 4.41 -25.76 -11.12
C GLY A 89 4.66 -25.76 -12.62
N SER A 90 5.74 -25.12 -13.06
CA SER A 90 6.04 -25.04 -14.48
C SER A 90 6.67 -26.36 -14.90
N LYS A 91 6.52 -26.72 -16.17
CA LYS A 91 6.93 -28.04 -16.64
C LYS A 91 8.44 -28.04 -16.87
N VAL A 92 9.10 -29.12 -16.46
CA VAL A 92 10.53 -29.26 -16.69
C VAL A 92 10.82 -29.54 -18.19
N GLY A 93 11.75 -28.77 -18.75
CA GLY A 93 12.19 -28.94 -20.13
C GLY A 93 13.67 -28.94 -20.12
N TYR A 94 14.25 -27.76 -20.00
CA TYR A 94 15.67 -27.59 -19.85
C TYR A 94 16.14 -28.27 -18.59
N THR A 95 17.29 -28.96 -18.69
CA THR A 95 18.06 -29.42 -17.53
C THR A 95 19.55 -29.15 -17.79
N LYS A 96 20.31 -29.07 -16.70
CA LYS A 96 21.77 -28.88 -16.76
C LYS A 96 22.43 -29.64 -15.61
N TRP A 97 22.11 -30.92 -15.46
CA TRP A 97 22.69 -31.71 -14.39
C TRP A 97 24.23 -31.85 -14.58
N ALA A 98 24.97 -31.71 -13.50
CA ALA A 98 26.41 -31.97 -13.52
C ALA A 98 26.62 -33.46 -13.79
N GLY A 99 27.80 -33.80 -14.32
CA GLY A 99 28.16 -35.19 -14.50
C GLY A 99 28.03 -35.95 -13.18
N GLY A 100 27.33 -37.07 -13.23
CA GLY A 100 27.13 -37.93 -12.05
C GLY A 100 25.93 -37.58 -11.18
N GLN A 101 25.19 -36.56 -11.62
CA GLN A 101 24.02 -36.04 -10.89
C GLN A 101 22.76 -36.12 -11.76
N PRO A 102 21.59 -36.26 -11.16
CA PRO A 102 21.37 -36.40 -9.71
C PRO A 102 21.65 -37.83 -9.26
N ASP A 103 22.02 -37.99 -8.01
CA ASP A 103 22.46 -39.31 -7.50
C ASP A 103 21.81 -39.73 -6.18
N ASN A 104 20.91 -38.94 -5.62
CA ASN A 104 20.27 -39.23 -4.36
C ASN A 104 21.24 -39.77 -3.29
N TRP A 105 22.38 -39.11 -3.16
CA TRP A 105 23.43 -39.58 -2.28
C TRP A 105 22.90 -39.80 -0.87
N ASN A 106 23.31 -40.91 -0.28
CA ASN A 106 22.83 -41.36 1.01
C ASN A 106 21.30 -41.36 1.16
N ASN A 107 20.63 -41.54 0.02
CA ASN A 107 19.15 -41.55 -0.02
C ASN A 107 18.48 -40.34 0.59
N ALA A 108 19.14 -39.20 0.59
CA ALA A 108 18.64 -38.03 1.30
C ALA A 108 18.75 -36.73 0.50
N GLU A 109 19.04 -36.82 -0.80
CA GLU A 109 19.19 -35.64 -1.62
C GLU A 109 17.98 -35.46 -2.57
N ASP A 110 17.16 -34.46 -2.25
CA ASP A 110 15.91 -34.15 -2.99
C ASP A 110 15.76 -32.68 -3.43
N TYR A 111 16.79 -31.89 -3.29
CA TYR A 111 16.71 -30.43 -3.44
C TYR A 111 17.79 -29.94 -4.40
N GLY A 112 17.34 -29.28 -5.48
CA GLY A 112 18.19 -28.84 -6.56
C GLY A 112 18.95 -27.56 -6.27
N GLN A 113 20.11 -27.42 -6.87
CA GLN A 113 20.99 -26.26 -6.66
C GLN A 113 22.02 -26.18 -7.78
N PHE A 114 22.46 -24.96 -8.10
CA PHE A 114 23.56 -24.71 -8.99
C PHE A 114 24.85 -24.90 -8.18
N ARG A 115 25.83 -25.57 -8.77
CA ARG A 115 27.23 -25.40 -8.40
C ARG A 115 27.78 -24.04 -8.82
N HIS A 116 28.88 -23.62 -8.19
CA HIS A 116 29.54 -22.39 -8.65
C HIS A 116 30.44 -22.59 -9.87
N THR A 117 30.62 -23.82 -10.34
CA THR A 117 31.42 -24.16 -11.52
C THR A 117 30.58 -24.65 -12.68
N GLU A 118 31.24 -24.78 -13.82
CA GLU A 118 30.61 -25.31 -15.01
C GLU A 118 29.32 -24.59 -15.37
N GLY A 119 29.32 -23.28 -15.23
CA GLY A 119 28.18 -22.46 -15.63
C GLY A 119 26.93 -22.71 -14.82
N GLY A 120 27.09 -23.20 -13.59
CA GLY A 120 25.98 -23.46 -12.70
C GLY A 120 25.38 -24.85 -12.84
N ALA A 121 26.18 -25.83 -13.28
CA ALA A 121 25.69 -27.22 -13.38
C ALA A 121 25.01 -27.68 -12.11
N TRP A 122 23.92 -28.43 -12.26
CA TRP A 122 23.04 -28.72 -11.15
C TRP A 122 23.46 -29.95 -10.36
N ASN A 123 23.11 -29.92 -9.10
CA ASN A 123 23.30 -31.00 -8.14
C ASN A 123 22.05 -31.15 -7.29
N ASP A 124 21.73 -32.38 -6.91
CA ASP A 124 20.77 -32.58 -5.85
C ASP A 124 21.46 -32.69 -4.52
N ASN A 125 20.94 -32.02 -3.49
CA ASN A 125 21.52 -32.04 -2.15
C ASN A 125 20.41 -32.23 -1.07
N SER A 126 20.82 -32.34 0.21
CA SER A 126 19.92 -32.76 1.30
C SER A 126 19.22 -31.58 2.02
N ALA A 127 18.32 -31.92 2.93
CA ALA A 127 17.59 -30.92 3.73
C ALA A 127 18.50 -30.28 4.78
N ALA A 128 19.63 -30.90 5.07
CA ALA A 128 20.59 -30.36 6.04
C ALA A 128 21.59 -29.45 5.40
N ALA A 129 21.76 -29.52 4.09
CA ALA A 129 22.76 -28.70 3.43
C ALA A 129 22.34 -27.24 3.47
N GLN A 130 23.35 -26.37 3.28
CA GLN A 130 23.15 -24.94 3.20
C GLN A 130 23.65 -24.44 1.89
N ALA A 131 22.97 -23.42 1.38
CA ALA A 131 23.36 -22.74 0.17
C ALA A 131 22.75 -21.33 0.17
N LYS A 132 23.20 -20.50 -0.75
CA LYS A 132 22.56 -19.20 -1.01
C LYS A 132 21.24 -19.45 -1.75
N TYR A 133 20.48 -18.40 -2.04
CA TYR A 133 19.22 -18.64 -2.78
C TYR A 133 18.80 -17.50 -3.69
N MET A 134 17.88 -17.82 -4.59
CA MET A 134 17.46 -16.88 -5.62
C MET A 134 15.95 -17.01 -5.79
N CYS A 135 15.24 -15.89 -5.75
CA CYS A 135 13.79 -15.89 -5.94
C CYS A 135 13.45 -15.33 -7.34
N LYS A 136 12.26 -15.70 -7.80
CA LYS A 136 11.78 -15.37 -9.13
C LYS A 136 10.32 -15.00 -9.03
N LEU A 137 9.92 -13.92 -9.69
CA LEU A 137 8.50 -13.56 -9.79
C LEU A 137 7.93 -14.07 -11.09
N THR A 138 6.75 -14.65 -11.01
CA THR A 138 5.98 -15.08 -12.15
C THR A 138 4.62 -14.40 -12.08
N PHE A 139 4.27 -13.71 -13.17
CA PHE A 139 3.02 -13.01 -13.30
C PHE A 139 1.98 -13.96 -13.87
N GLU A 140 1.27 -14.60 -12.95
CA GLU A 140 0.30 -15.67 -13.26
C GLU A 140 -1.06 -15.18 -13.72
N ASN B 1 7.18 -7.79 -20.95
CA ASN B 1 7.38 -6.85 -19.80
C ASN B 1 7.19 -7.57 -18.46
N GLN B 2 7.31 -6.82 -17.36
CA GLN B 2 7.17 -7.38 -16.03
C GLN B 2 5.91 -6.92 -15.27
N CYS B 3 4.89 -6.53 -16.04
CA CYS B 3 3.59 -6.22 -15.46
C CYS B 3 2.79 -7.47 -15.16
N PRO B 4 2.00 -7.41 -14.09
CA PRO B 4 1.00 -8.47 -13.82
C PRO B 4 0.06 -8.66 -14.97
N THR B 5 -0.46 -9.88 -15.07
CA THR B 5 -1.46 -10.22 -16.07
C THR B 5 -2.63 -9.24 -16.00
N ASP B 6 -3.05 -8.79 -17.19
CA ASP B 6 -4.17 -7.88 -17.42
C ASP B 6 -3.81 -6.41 -17.16
N TRP B 7 -2.55 -6.16 -16.85
CA TRP B 7 -1.98 -4.83 -16.80
C TRP B 7 -1.05 -4.62 -17.98
N GLU B 8 -0.96 -3.37 -18.42
CA GLU B 8 -0.13 -2.98 -19.55
C GLU B 8 1.08 -2.19 -19.09
N ALA B 9 2.19 -2.34 -19.78
CA ALA B 9 3.43 -1.65 -19.45
C ALA B 9 3.67 -0.39 -20.24
N GLU B 10 4.19 0.61 -19.55
CA GLU B 10 4.68 1.80 -20.19
C GLU B 10 5.65 2.47 -19.24
N GLY B 11 6.88 2.61 -19.69
CA GLY B 11 7.91 3.21 -18.84
C GLY B 11 8.13 2.38 -17.59
N ASP B 12 8.16 3.08 -16.45
CA ASP B 12 8.43 2.52 -15.15
C ASP B 12 7.17 2.09 -14.42
N HIS B 13 6.07 1.95 -15.15
CA HIS B 13 4.76 1.73 -14.55
C HIS B 13 3.94 0.68 -15.28
N CYS B 14 2.90 0.20 -14.60
CA CYS B 14 1.89 -0.61 -15.25
C CYS B 14 0.53 0.10 -15.08
N TYR B 15 -0.36 -0.11 -16.05
CA TYR B 15 -1.67 0.55 -16.07
C TYR B 15 -2.73 -0.50 -16.32
N ARG B 16 -3.95 -0.25 -15.88
CA ARG B 16 -5.04 -1.15 -16.14
C ARG B 16 -6.34 -0.41 -16.22
N PHE B 17 -7.03 -0.62 -17.34
CA PHE B 17 -8.30 0.01 -17.62
C PHE B 17 -9.43 -0.87 -17.15
N PHE B 18 -10.36 -0.30 -16.39
CA PHE B 18 -11.55 -0.99 -15.97
C PHE B 18 -12.76 -0.38 -16.65
N ASN B 19 -13.42 -1.20 -17.50
CA ASN B 19 -14.47 -0.70 -18.34
C ASN B 19 -15.85 -0.85 -17.65
N THR B 20 -15.99 -0.22 -16.48
CA THR B 20 -17.18 -0.33 -15.64
C THR B 20 -17.46 1.04 -15.09
N LEU B 21 -18.69 1.49 -15.21
CA LEU B 21 -19.07 2.77 -14.63
C LEU B 21 -19.18 2.69 -13.13
N THR B 22 -18.53 3.62 -12.42
CA THR B 22 -18.60 3.69 -10.99
C THR B 22 -18.26 5.10 -10.52
N THR B 23 -18.33 5.31 -9.24
CA THR B 23 -18.06 6.63 -8.67
C THR B 23 -16.55 6.78 -8.51
N TRP B 24 -16.09 8.02 -8.32
CA TRP B 24 -14.66 8.23 -8.08
C TRP B 24 -14.21 7.51 -6.81
N GLU B 25 -15.03 7.62 -5.75
CA GLU B 25 -14.70 7.03 -4.43
C GLU B 25 -14.49 5.51 -4.59
N ASN B 26 -15.42 4.85 -5.26
CA ASN B 26 -15.27 3.43 -5.44
C ASN B 26 -14.09 3.06 -6.32
N ALA B 27 -13.89 3.82 -7.39
CA ALA B 27 -12.76 3.65 -8.26
C ALA B 27 -11.43 3.78 -7.51
N HIS B 28 -11.34 4.77 -6.63
CA HIS B 28 -10.17 4.95 -5.83
C HIS B 28 -9.86 3.68 -5.00
N HIS B 29 -10.84 3.19 -4.24
CA HIS B 29 -10.69 1.98 -3.45
C HIS B 29 -10.32 0.79 -4.40
N GLU B 30 -11.03 0.63 -5.51
CA GLU B 30 -10.73 -0.51 -6.40
C GLU B 30 -9.25 -0.48 -6.80
N CYS B 31 -8.75 0.70 -7.17
CA CYS B 31 -7.37 0.78 -7.65
C CYS B 31 -6.42 0.49 -6.50
N VAL B 32 -6.68 1.03 -5.30
CA VAL B 32 -5.76 0.81 -4.17
C VAL B 32 -5.74 -0.67 -3.78
N SER B 33 -6.84 -1.39 -4.06
CA SER B 33 -6.96 -2.80 -3.72
C SER B 33 -5.96 -3.70 -4.43
N TYR B 34 -5.33 -3.20 -5.49
CA TYR B 34 -4.32 -4.00 -6.24
C TYR B 34 -2.90 -3.78 -5.69
N SER B 35 -2.77 -3.06 -4.58
CA SER B 35 -1.45 -2.88 -3.97
C SER B 35 -0.91 -4.18 -3.40
N CYS B 36 0.43 -4.26 -3.36
CA CYS B 36 1.13 -5.45 -2.88
C CYS B 36 2.20 -5.02 -1.91
N SER B 37 1.93 -5.06 -0.61
CA SER B 37 2.92 -4.56 0.39
C SER B 37 4.20 -5.36 0.41
N THR B 38 4.14 -6.67 0.13
CA THR B 38 5.38 -7.46 0.19
C THR B 38 6.43 -7.05 -0.85
N LEU B 39 5.98 -6.44 -1.94
CA LEU B 39 6.84 -6.04 -3.05
C LEU B 39 6.90 -4.51 -3.20
N ASN B 40 6.33 -3.82 -2.21
CA ASN B 40 6.33 -2.35 -2.15
C ASN B 40 5.71 -1.76 -3.38
N VAL B 41 4.68 -2.43 -3.88
CA VAL B 41 3.92 -1.98 -5.05
C VAL B 41 2.68 -1.23 -4.56
N ARG B 42 2.59 0.05 -4.93
CA ARG B 42 1.48 0.89 -4.56
C ARG B 42 0.56 1.04 -5.79
N SER B 43 -0.67 0.62 -5.69
CA SER B 43 -1.62 0.78 -6.79
C SER B 43 -2.55 1.92 -6.43
N ASP B 44 -2.86 2.75 -7.42
CA ASP B 44 -3.71 3.90 -7.20
C ASP B 44 -4.43 4.29 -8.48
N LEU B 45 -5.32 5.29 -8.36
CA LEU B 45 -5.83 5.91 -9.58
C LEU B 45 -4.67 6.54 -10.35
N VAL B 46 -4.77 6.50 -11.67
CA VAL B 46 -3.70 7.04 -12.51
C VAL B 46 -3.36 8.52 -12.25
N SER B 47 -2.05 8.80 -12.16
CA SER B 47 -1.56 10.17 -12.18
C SER B 47 -0.88 10.40 -13.51
N VAL B 48 -0.91 11.62 -13.99
CA VAL B 48 -0.49 11.94 -15.36
C VAL B 48 0.51 13.08 -15.29
N HIS B 49 1.72 12.87 -15.81
CA HIS B 49 2.83 13.78 -15.56
C HIS B 49 3.47 14.39 -16.80
N SER B 50 2.89 14.10 -17.95
CA SER B 50 3.41 14.58 -19.21
C SER B 50 2.39 14.37 -20.34
N ALA B 51 2.63 15.05 -21.45
CA ALA B 51 1.81 14.84 -22.65
C ALA B 51 1.89 13.39 -23.14
N ALA B 52 3.03 12.71 -22.97
CA ALA B 52 3.21 11.33 -23.37
C ALA B 52 2.39 10.38 -22.52
N GLU B 53 2.39 10.64 -21.21
CA GLU B 53 1.60 9.80 -20.32
C GLU B 53 0.09 10.04 -20.54
N GLN B 54 -0.26 11.30 -20.75
CA GLN B 54 -1.64 11.63 -21.12
C GLN B 54 -2.12 10.86 -22.35
N ALA B 55 -1.32 10.88 -23.42
CA ALA B 55 -1.67 10.18 -24.67
C ALA B 55 -1.68 8.69 -24.46
N TYR B 56 -0.72 8.16 -23.70
CA TYR B 56 -0.70 6.72 -23.45
C TYR B 56 -1.99 6.26 -22.76
N VAL B 57 -2.36 6.99 -21.72
CA VAL B 57 -3.53 6.63 -20.93
C VAL B 57 -4.80 6.79 -21.77
N PHE B 58 -4.94 7.92 -22.47
CA PHE B 58 -6.09 8.18 -23.32
C PHE B 58 -6.21 7.12 -24.42
N ASN B 59 -5.11 6.79 -25.10
CA ASN B 59 -5.18 5.83 -26.20
C ASN B 59 -5.42 4.43 -25.74
N TYR B 60 -4.97 4.12 -24.52
CA TYR B 60 -5.20 2.80 -23.93
C TYR B 60 -6.70 2.64 -23.68
N TRP B 61 -7.27 3.63 -22.99
CA TRP B 61 -8.68 3.67 -22.69
C TRP B 61 -9.52 3.59 -23.96
N ARG B 62 -9.21 4.43 -24.93
CA ARG B 62 -10.01 4.50 -26.14
C ARG B 62 -9.68 3.39 -27.14
N GLY B 63 -8.68 2.56 -26.84
CA GLY B 63 -8.47 1.32 -27.61
C GLY B 63 -9.52 0.25 -27.30
N ILE B 64 -10.14 0.37 -26.12
CA ILE B 64 -11.09 -0.60 -25.61
C ILE B 64 -12.51 -0.09 -25.62
N ASP B 65 -12.68 1.18 -25.20
CA ASP B 65 -13.98 1.75 -24.94
C ASP B 65 -14.44 2.65 -26.06
N SER B 66 -15.61 2.35 -26.66
CA SER B 66 -16.19 3.20 -27.75
C SER B 66 -17.19 4.22 -27.24
N GLN B 67 -17.61 4.07 -26.00
CA GLN B 67 -18.73 4.88 -25.47
C GLN B 67 -18.35 6.29 -25.17
N ALA B 68 -19.29 7.19 -25.36
CA ALA B 68 -19.16 8.54 -24.86
C ALA B 68 -19.15 8.44 -23.35
N GLY B 69 -18.24 9.17 -22.72
CA GLY B 69 -18.18 9.21 -21.29
C GLY B 69 -16.82 9.64 -20.82
N GLN B 70 -16.56 9.41 -19.54
CA GLN B 70 -15.36 9.93 -18.91
C GLN B 70 -14.56 8.80 -18.26
N LEU B 71 -13.34 9.12 -17.86
CA LEU B 71 -12.40 8.23 -17.21
C LEU B 71 -11.82 8.86 -15.94
N TRP B 72 -12.16 8.32 -14.77
CA TRP B 72 -11.62 8.83 -13.52
C TRP B 72 -10.08 8.71 -13.49
N ILE B 73 -9.44 9.77 -13.00
CA ILE B 73 -8.02 9.81 -12.69
C ILE B 73 -7.85 10.20 -11.25
N GLY B 74 -6.62 10.07 -10.75
CA GLY B 74 -6.36 10.31 -9.35
C GLY B 74 -6.23 11.77 -8.91
N LEU B 75 -6.81 12.71 -9.68
CA LEU B 75 -6.69 14.11 -9.37
C LEU B 75 -7.88 14.55 -8.55
N TYR B 76 -7.66 15.32 -7.49
CA TYR B 76 -8.77 15.75 -6.63
C TYR B 76 -8.43 16.99 -5.83
N ASP B 77 -9.46 17.73 -5.41
CA ASP B 77 -9.29 18.89 -4.52
C ASP B 77 -10.21 18.82 -3.32
N LYS B 78 -10.62 17.60 -2.97
CA LYS B 78 -11.48 17.30 -1.85
C LYS B 78 -11.06 17.95 -0.53
N TYR B 79 -9.77 17.96 -0.25
CA TYR B 79 -9.28 18.48 1.03
C TYR B 79 -8.80 19.92 1.01
N ASN B 80 -8.80 20.55 -0.16
CA ASN B 80 -8.31 21.91 -0.29
C ASN B 80 -8.82 22.45 -1.60
N GLU B 81 -10.00 23.06 -1.53
CA GLU B 81 -10.75 23.46 -2.72
C GLU B 81 -9.90 24.35 -3.59
N GLY B 82 -9.83 24.00 -4.86
CA GLY B 82 -9.15 24.79 -5.84
C GLY B 82 -7.70 24.39 -6.05
N ASP B 83 -7.14 23.55 -5.17
CA ASP B 83 -5.78 23.03 -5.34
C ASP B 83 -5.85 21.53 -5.69
N PHE B 84 -5.87 21.23 -6.99
CA PHE B 84 -5.89 19.82 -7.42
C PHE B 84 -4.53 19.11 -7.23
N ILE B 85 -4.59 17.98 -6.55
CA ILE B 85 -3.43 17.13 -6.28
C ILE B 85 -3.71 15.69 -6.66
N TRP B 86 -2.60 14.93 -6.77
CA TRP B 86 -2.67 13.51 -7.06
C TRP B 86 -2.81 12.68 -5.75
N THR B 87 -3.70 11.71 -5.77
CA THR B 87 -3.83 10.80 -4.61
C THR B 87 -2.58 10.01 -4.29
N ASP B 88 -1.73 9.76 -5.28
CA ASP B 88 -0.51 8.94 -5.06
C ASP B 88 0.64 9.73 -4.51
N GLY B 89 0.44 11.01 -4.24
CA GLY B 89 1.44 11.86 -3.58
C GLY B 89 2.48 12.47 -4.53
N SER B 90 2.43 12.11 -5.80
CA SER B 90 3.30 12.74 -6.82
C SER B 90 2.86 14.17 -7.07
N LYS B 91 3.76 15.01 -7.59
CA LYS B 91 3.45 16.42 -7.69
C LYS B 91 2.76 16.71 -9.02
N VAL B 92 1.87 17.69 -9.01
CA VAL B 92 1.21 18.14 -10.21
C VAL B 92 2.18 19.07 -10.91
N GLY B 93 2.58 18.68 -12.12
CA GLY B 93 3.28 19.55 -13.05
C GLY B 93 2.34 19.79 -14.22
N TYR B 94 2.40 18.83 -15.13
CA TYR B 94 1.56 18.77 -16.32
C TYR B 94 0.10 18.88 -15.96
N THR B 95 -0.62 19.73 -16.69
CA THR B 95 -2.10 19.63 -16.65
C THR B 95 -2.64 19.76 -18.06
N LYS B 96 -3.86 19.28 -18.25
CA LYS B 96 -4.57 19.35 -19.53
C LYS B 96 -6.07 19.55 -19.29
N TRP B 97 -6.39 20.57 -18.50
CA TRP B 97 -7.79 20.94 -18.32
C TRP B 97 -8.44 21.33 -19.66
N ALA B 98 -9.68 20.85 -19.84
CA ALA B 98 -10.55 21.31 -20.88
C ALA B 98 -10.88 22.77 -20.69
N GLY B 99 -11.14 23.47 -21.80
CA GLY B 99 -11.64 24.81 -21.71
C GLY B 99 -12.83 24.97 -20.81
N GLY B 100 -12.74 25.95 -19.93
CA GLY B 100 -13.77 26.19 -18.95
C GLY B 100 -13.68 25.40 -17.67
N GLN B 101 -12.74 24.48 -17.61
CA GLN B 101 -12.53 23.65 -16.44
C GLN B 101 -11.17 23.92 -15.77
N PRO B 102 -11.02 23.62 -14.49
CA PRO B 102 -12.08 23.14 -13.61
C PRO B 102 -13.00 24.27 -13.22
N ASP B 103 -14.27 23.96 -12.93
CA ASP B 103 -15.22 24.99 -12.55
C ASP B 103 -15.92 24.79 -11.19
N ASN B 104 -15.62 23.73 -10.48
CA ASN B 104 -16.23 23.44 -9.19
C ASN B 104 -17.75 23.59 -9.22
N TRP B 105 -18.35 22.98 -10.21
CA TRP B 105 -19.76 23.25 -10.51
C TRP B 105 -20.66 22.97 -9.31
N ASN B 106 -21.59 23.89 -9.04
CA ASN B 106 -22.47 23.81 -7.87
C ASN B 106 -21.76 23.56 -6.53
N ASN B 107 -20.51 24.07 -6.43
CA ASN B 107 -19.64 23.88 -5.29
C ASN B 107 -19.43 22.44 -4.86
N ALA B 108 -19.48 21.51 -5.82
CA ALA B 108 -19.55 20.09 -5.54
C ALA B 108 -18.64 19.21 -6.42
N GLU B 109 -17.74 19.81 -7.20
CA GLU B 109 -16.89 19.04 -8.11
C GLU B 109 -15.48 19.02 -7.65
N ASP B 110 -15.04 17.88 -7.14
CA ASP B 110 -13.66 17.74 -6.59
C ASP B 110 -12.85 16.59 -7.15
N TYR B 111 -13.32 15.95 -8.22
CA TYR B 111 -12.72 14.68 -8.71
C TYR B 111 -12.45 14.79 -10.18
N GLY B 112 -11.19 14.60 -10.53
CA GLY B 112 -10.78 14.65 -11.88
C GLY B 112 -11.09 13.47 -12.76
N GLN B 113 -11.23 13.74 -14.03
CA GLN B 113 -11.49 12.72 -15.05
C GLN B 113 -11.13 13.23 -16.47
N PHE B 114 -10.72 12.32 -17.36
CA PHE B 114 -10.56 12.63 -18.79
C PHE B 114 -11.95 12.65 -19.41
N ARG B 115 -12.19 13.59 -20.32
CA ARG B 115 -13.25 13.43 -21.31
C ARG B 115 -12.80 12.45 -22.43
N HIS B 116 -13.79 11.94 -23.20
CA HIS B 116 -13.47 11.03 -24.31
C HIS B 116 -13.09 11.76 -25.59
N THR B 117 -13.16 13.08 -25.54
CA THR B 117 -12.80 13.98 -26.63
C THR B 117 -11.57 14.83 -26.27
N GLU B 118 -11.07 15.55 -27.27
CA GLU B 118 -9.94 16.47 -27.16
C GLU B 118 -8.72 15.86 -26.49
N GLY B 119 -8.39 14.63 -26.90
CA GLY B 119 -7.24 13.94 -26.37
C GLY B 119 -7.28 13.67 -24.86
N GLY B 120 -8.48 13.61 -24.28
CA GLY B 120 -8.67 13.32 -22.87
C GLY B 120 -8.61 14.56 -21.98
N ALA B 121 -8.92 15.73 -22.53
CA ALA B 121 -8.91 16.97 -21.75
C ALA B 121 -9.71 16.81 -20.46
N TRP B 122 -9.18 17.36 -19.35
CA TRP B 122 -9.69 17.06 -18.03
C TRP B 122 -10.88 17.90 -17.60
N ASN B 123 -11.75 17.25 -16.83
CA ASN B 123 -12.87 17.91 -16.16
C ASN B 123 -12.88 17.52 -14.67
N ASP B 124 -13.36 18.43 -13.84
CA ASP B 124 -13.71 18.14 -12.45
C ASP B 124 -15.20 17.76 -12.41
N ASN B 125 -15.50 16.71 -11.69
CA ASN B 125 -16.88 16.28 -11.52
C ASN B 125 -17.18 15.92 -10.04
N SER B 126 -18.43 15.56 -9.78
CA SER B 126 -18.96 15.41 -8.45
C SER B 126 -18.83 13.98 -7.93
N ALA B 127 -19.12 13.83 -6.64
CA ALA B 127 -19.06 12.53 -5.94
C ALA B 127 -20.21 11.59 -6.36
N ALA B 128 -21.22 12.15 -7.02
CA ALA B 128 -22.37 11.40 -7.50
C ALA B 128 -22.19 10.91 -8.93
N ALA B 129 -21.26 11.53 -9.64
CA ALA B 129 -21.07 11.20 -11.02
C ALA B 129 -20.46 9.78 -11.18
N GLN B 130 -20.67 9.24 -12.36
CA GLN B 130 -20.12 7.94 -12.76
C GLN B 130 -19.18 8.08 -13.97
N ALA B 131 -18.12 7.29 -13.97
CA ALA B 131 -17.17 7.18 -15.08
C ALA B 131 -16.47 5.82 -15.04
N LYS B 132 -15.76 5.51 -16.11
CA LYS B 132 -14.87 4.34 -16.16
C LYS B 132 -13.62 4.79 -15.36
N TYR B 133 -12.66 3.90 -15.19
CA TYR B 133 -11.45 4.27 -14.41
C TYR B 133 -10.22 3.53 -14.84
N MET B 134 -9.07 4.13 -14.51
CA MET B 134 -7.76 3.62 -14.85
C MET B 134 -6.86 3.62 -13.60
N CYS B 135 -6.24 2.48 -13.34
CA CYS B 135 -5.26 2.32 -12.27
C CYS B 135 -3.83 2.30 -12.77
N LYS B 136 -2.91 2.54 -11.84
CA LYS B 136 -1.47 2.64 -12.11
C LYS B 136 -0.71 2.06 -10.94
N LEU B 137 0.29 1.22 -11.26
CA LEU B 137 1.22 0.69 -10.28
C LEU B 137 2.47 1.51 -10.24
N THR B 138 2.91 1.82 -9.02
CA THR B 138 4.16 2.51 -8.76
C THR B 138 4.98 1.55 -7.91
N PHE B 139 6.20 1.31 -8.35
CA PHE B 139 7.13 0.43 -7.63
C PHE B 139 7.99 1.31 -6.74
N GLU B 140 7.60 1.42 -5.51
CA GLU B 140 8.27 2.29 -4.57
C GLU B 140 9.58 1.66 -4.08
N ASN C 1 -0.58 4.75 20.97
CA ASN C 1 -0.17 5.54 19.78
C ASN C 1 -0.44 4.76 18.46
N GLN C 2 -1.52 5.11 17.72
CA GLN C 2 -1.79 4.51 16.43
C GLN C 2 -1.55 5.50 15.26
N CYS C 3 -0.78 6.54 15.50
CA CYS C 3 -0.44 7.48 14.43
C CYS C 3 0.53 6.85 13.41
N PRO C 4 0.47 7.26 12.16
CA PRO C 4 1.48 6.90 11.15
C PRO C 4 2.88 7.25 11.66
N THR C 5 3.86 6.52 11.19
CA THR C 5 5.24 6.79 11.58
C THR C 5 5.60 8.21 11.26
N ASP C 6 6.40 8.79 12.17
CA ASP C 6 6.89 10.17 12.10
C ASP C 6 5.87 11.17 12.60
N TRP C 7 4.65 10.73 12.94
CA TRP C 7 3.64 11.62 13.52
C TRP C 7 3.47 11.33 15.01
N GLU C 8 3.11 12.36 15.77
CA GLU C 8 2.96 12.32 17.21
C GLU C 8 1.50 12.28 17.62
N ALA C 9 1.20 11.50 18.65
CA ALA C 9 -0.19 11.29 19.07
C ALA C 9 -0.55 12.21 20.20
N GLU C 10 -1.70 12.87 20.14
CA GLU C 10 -2.27 13.58 21.26
C GLU C 10 -3.79 13.59 21.09
N GLY C 11 -4.49 12.92 22.02
CA GLY C 11 -5.93 12.89 22.00
C GLY C 11 -6.40 12.15 20.78
N ASP C 12 -7.38 12.74 20.12
CA ASP C 12 -8.01 12.22 18.92
C ASP C 12 -7.27 12.55 17.62
N HIS C 13 -6.06 13.11 17.72
CA HIS C 13 -5.35 13.57 16.55
C HIS C 13 -3.89 13.13 16.49
N CYS C 14 -3.27 13.29 15.33
CA CYS C 14 -1.82 13.16 15.15
C CYS C 14 -1.30 14.46 14.63
N TYR C 15 -0.07 14.79 15.01
CA TYR C 15 0.57 16.04 14.67
C TYR C 15 1.96 15.80 14.12
N ARG C 16 2.40 16.68 13.22
CA ARG C 16 3.79 16.55 12.75
C ARG C 16 4.37 17.92 12.48
N PHE C 17 5.49 18.20 13.14
CA PHE C 17 6.23 19.43 12.95
C PHE C 17 7.27 19.31 11.86
N PHE C 18 7.27 20.29 10.96
CA PHE C 18 8.26 20.44 9.92
C PHE C 18 9.11 21.67 10.20
N ASN C 19 10.36 21.43 10.52
CA ASN C 19 11.28 22.49 10.91
C ASN C 19 12.00 23.10 9.71
N THR C 20 11.18 23.68 8.84
CA THR C 20 11.56 24.25 7.58
C THR C 20 10.78 25.52 7.37
N LEU C 21 11.48 26.63 7.13
CA LEU C 21 10.82 27.88 6.81
C LEU C 21 10.20 27.80 5.40
N THR C 22 8.94 28.21 5.29
CA THR C 22 8.27 28.29 4.01
C THR C 22 7.09 29.25 4.07
N THR C 23 6.42 29.44 2.94
CA THR C 23 5.27 30.32 2.93
C THR C 23 4.03 29.61 3.49
N TRP C 24 3.01 30.38 3.86
CA TRP C 24 1.78 29.76 4.33
C TRP C 24 1.14 28.88 3.24
N GLU C 25 1.04 29.39 2.02
CA GLU C 25 0.40 28.62 0.93
C GLU C 25 1.14 27.30 0.72
N ASN C 26 2.48 27.32 0.77
CA ASN C 26 3.23 26.09 0.54
C ASN C 26 3.06 25.13 1.69
N ALA C 27 3.08 25.69 2.89
CA ALA C 27 2.85 24.91 4.13
C ALA C 27 1.50 24.20 4.04
N HIS C 28 0.47 24.94 3.63
CA HIS C 28 -0.90 24.40 3.47
C HIS C 28 -0.85 23.24 2.48
N HIS C 29 -0.26 23.47 1.32
CA HIS C 29 -0.14 22.41 0.31
C HIS C 29 0.59 21.16 0.84
N GLU C 30 1.70 21.36 1.51
CA GLU C 30 2.48 20.24 2.07
C GLU C 30 1.61 19.46 3.04
N CYS C 31 0.91 20.12 3.99
CA CYS C 31 0.12 19.34 4.95
C CYS C 31 -0.97 18.57 4.23
N VAL C 32 -1.66 19.22 3.31
CA VAL C 32 -2.81 18.55 2.66
C VAL C 32 -2.38 17.31 1.84
N SER C 33 -1.15 17.34 1.36
CA SER C 33 -0.65 16.27 0.48
C SER C 33 -0.62 14.90 1.13
N TYR C 34 -0.55 14.85 2.46
CA TYR C 34 -0.53 13.59 3.22
C TYR C 34 -1.90 12.92 3.31
N SER C 35 -2.96 13.64 2.96
CA SER C 35 -4.32 13.15 3.16
C SER C 35 -4.56 11.78 2.47
N CYS C 36 -5.39 10.95 3.11
CA CYS C 36 -5.69 9.56 2.72
C CYS C 36 -7.21 9.46 2.58
N SER C 37 -7.75 9.70 1.39
CA SER C 37 -9.19 9.56 1.19
C SER C 37 -9.73 8.14 1.46
N THR C 38 -8.93 7.11 1.15
CA THR C 38 -9.39 5.74 1.39
C THR C 38 -9.70 5.45 2.87
N LEU C 39 -9.03 6.17 3.77
CA LEU C 39 -9.27 6.06 5.22
C LEU C 39 -10.01 7.28 5.84
N ASN C 40 -10.50 8.17 4.98
CA ASN C 40 -11.13 9.40 5.40
C ASN C 40 -10.22 10.18 6.39
N VAL C 41 -8.91 10.23 6.09
CA VAL C 41 -7.96 10.98 6.92
C VAL C 41 -7.62 12.28 6.22
N ARG C 42 -8.05 13.41 6.81
CA ARG C 42 -7.62 14.72 6.38
C ARG C 42 -6.26 15.01 7.04
N SER C 43 -5.29 15.44 6.24
CA SER C 43 -4.09 16.09 6.77
C SER C 43 -4.19 17.57 6.36
N ASP C 44 -3.87 18.45 7.31
CA ASP C 44 -4.09 19.86 7.06
C ASP C 44 -3.15 20.65 8.01
N LEU C 45 -3.04 21.94 7.76
CA LEU C 45 -2.39 22.79 8.77
C LEU C 45 -3.16 22.72 10.08
N VAL C 46 -2.43 22.81 11.18
CA VAL C 46 -3.01 22.58 12.51
C VAL C 46 -4.10 23.59 12.84
N SER C 47 -5.24 23.11 13.35
CA SER C 47 -6.27 23.94 13.94
C SER C 47 -6.23 23.74 15.47
N VAL C 48 -6.57 24.78 16.22
CA VAL C 48 -6.36 24.76 17.66
C VAL C 48 -7.71 25.06 18.35
N HIS C 49 -8.19 24.13 19.17
CA HIS C 49 -9.55 24.24 19.68
C HIS C 49 -9.70 24.33 21.16
N SER C 50 -8.58 24.47 21.85
CA SER C 50 -8.59 24.56 23.29
C SER C 50 -7.26 25.10 23.77
N ALA C 51 -7.25 25.61 25.00
CA ALA C 51 -5.99 25.93 25.66
C ALA C 51 -5.05 24.71 25.75
N ALA C 52 -5.59 23.52 26.01
CA ALA C 52 -4.77 22.34 26.12
C ALA C 52 -4.11 22.04 24.75
N GLU C 53 -4.89 22.19 23.67
CA GLU C 53 -4.33 21.96 22.32
C GLU C 53 -3.27 23.04 21.99
N GLN C 54 -3.54 24.27 22.32
CA GLN C 54 -2.59 25.37 22.11
C GLN C 54 -1.27 25.03 22.80
N ALA C 55 -1.35 24.58 24.05
CA ALA C 55 -0.12 24.27 24.80
C ALA C 55 0.63 23.09 24.25
N TYR C 56 -0.10 22.05 23.84
CA TYR C 56 0.54 20.87 23.24
C TYR C 56 1.27 21.26 21.96
N VAL C 57 0.59 21.98 21.08
CA VAL C 57 1.19 22.43 19.82
C VAL C 57 2.43 23.33 20.05
N PHE C 58 2.30 24.30 20.93
CA PHE C 58 3.40 25.19 21.23
C PHE C 58 4.56 24.42 21.82
N ASN C 59 4.29 23.57 22.82
CA ASN C 59 5.36 22.82 23.46
C ASN C 59 6.05 21.83 22.54
N TYR C 60 5.27 21.17 21.66
CA TYR C 60 5.83 20.28 20.66
C TYR C 60 6.79 21.05 19.74
N TRP C 61 6.30 22.17 19.18
CA TRP C 61 7.08 23.02 18.31
C TRP C 61 8.39 23.45 19.00
N ARG C 62 8.23 24.01 20.17
CA ARG C 62 9.39 24.65 20.86
C ARG C 62 10.36 23.67 21.47
N GLY C 63 9.92 22.44 21.66
CA GLY C 63 10.78 21.35 22.10
C GLY C 63 11.79 20.97 21.01
N ILE C 64 11.47 21.26 19.74
CA ILE C 64 12.33 20.96 18.60
C ILE C 64 13.06 22.19 18.07
N ASP C 65 12.33 23.30 18.04
CA ASP C 65 12.77 24.54 17.43
C ASP C 65 12.73 25.66 18.42
N SER C 66 13.88 26.17 18.81
CA SER C 66 13.88 27.34 19.64
C SER C 66 14.42 28.62 18.99
N GLN C 67 14.46 28.64 17.67
CA GLN C 67 14.77 29.88 16.96
C GLN C 67 13.69 30.94 17.18
N ALA C 68 14.07 32.20 17.18
CA ALA C 68 13.06 33.27 17.11
C ALA C 68 12.34 33.12 15.75
N GLY C 69 11.01 33.18 15.75
CA GLY C 69 10.24 33.02 14.54
C GLY C 69 8.86 32.51 14.87
N GLN C 70 8.15 32.13 13.84
CA GLN C 70 6.71 31.83 13.92
C GLN C 70 6.42 30.44 13.35
N LEU C 71 5.19 29.97 13.60
CA LEU C 71 4.70 28.66 13.18
C LEU C 71 3.37 28.84 12.49
N TRP C 72 3.29 28.49 11.22
CA TRP C 72 2.03 28.62 10.50
C TRP C 72 1.00 27.67 11.11
N ILE C 73 -0.23 28.17 11.21
CA ILE C 73 -1.42 27.37 11.55
C ILE C 73 -2.48 27.55 10.47
N GLY C 74 -3.55 26.77 10.56
CA GLY C 74 -4.52 26.73 9.48
C GLY C 74 -5.61 27.78 9.50
N LEU C 75 -5.34 28.91 10.11
CA LEU C 75 -6.32 29.97 10.27
C LEU C 75 -6.05 31.05 9.22
N TYR C 76 -7.07 31.51 8.52
CA TYR C 76 -6.85 32.50 7.47
C TYR C 76 -8.12 33.27 7.17
N ASP C 77 -7.98 34.44 6.59
CA ASP C 77 -9.12 35.27 6.17
C ASP C 77 -9.01 35.72 4.70
N LYS C 78 -8.28 34.95 3.89
CA LYS C 78 -8.11 35.26 2.46
C LYS C 78 -9.40 35.47 1.71
N TYR C 79 -10.38 34.66 2.05
CA TYR C 79 -11.61 34.62 1.28
C TYR C 79 -12.69 35.57 1.78
N ASN C 80 -12.52 36.15 2.96
CA ASN C 80 -13.42 37.13 3.48
C ASN C 80 -12.66 37.94 4.55
N GLU C 81 -12.15 39.11 4.18
CA GLU C 81 -11.31 39.93 5.08
C GLU C 81 -11.99 40.17 6.44
N GLY C 82 -11.29 39.78 7.49
CA GLY C 82 -11.67 39.98 8.87
C GLY C 82 -12.34 38.78 9.50
N ASP C 83 -12.70 37.77 8.68
CA ASP C 83 -13.40 36.56 9.09
C ASP C 83 -12.42 35.39 8.98
N PHE C 84 -11.67 35.19 10.06
CA PHE C 84 -10.78 34.07 10.16
C PHE C 84 -11.50 32.74 10.33
N ILE C 85 -11.13 31.80 9.45
CA ILE C 85 -11.60 30.41 9.48
C ILE C 85 -10.45 29.41 9.49
N TRP C 86 -10.77 28.18 9.89
CA TRP C 86 -9.82 27.10 9.82
C TRP C 86 -9.87 26.38 8.47
N THR C 87 -8.71 26.09 7.90
CA THR C 87 -8.67 25.37 6.60
C THR C 87 -9.34 24.00 6.64
N ASP C 88 -9.36 23.33 7.81
CA ASP C 88 -9.94 22.00 7.92
C ASP C 88 -11.47 22.03 8.04
N GLY C 89 -12.07 23.20 8.03
CA GLY C 89 -13.51 23.33 8.08
C GLY C 89 -14.12 23.26 9.48
N SER C 90 -13.30 23.11 10.52
CA SER C 90 -13.80 23.08 11.90
C SER C 90 -14.19 24.49 12.30
N LYS C 91 -15.14 24.61 13.24
CA LYS C 91 -15.57 25.93 13.64
C LYS C 91 -14.57 26.59 14.58
N VAL C 92 -14.35 27.89 14.44
CA VAL C 92 -13.52 28.63 15.40
C VAL C 92 -14.28 28.79 16.72
N GLY C 93 -13.67 28.34 17.82
CA GLY C 93 -14.13 28.55 19.20
C GLY C 93 -13.04 29.26 19.99
N TYR C 94 -12.07 28.48 20.43
CA TYR C 94 -10.87 28.96 21.05
C TYR C 94 -10.14 29.93 20.12
N THR C 95 -9.73 31.06 20.67
CA THR C 95 -8.75 31.91 20.02
C THR C 95 -7.72 32.39 21.03
N LYS C 96 -6.54 32.72 20.51
CA LYS C 96 -5.46 33.26 21.37
C LYS C 96 -4.69 34.31 20.58
N TRP C 97 -5.41 35.30 20.07
CA TRP C 97 -4.72 36.35 19.34
C TRP C 97 -3.78 37.10 20.27
N ALA C 98 -2.59 37.42 19.77
CA ALA C 98 -1.69 38.33 20.49
C ALA C 98 -2.34 39.72 20.59
N GLY C 99 -2.01 40.47 21.64
CA GLY C 99 -2.51 41.84 21.75
C GLY C 99 -2.13 42.62 20.53
N GLY C 100 -3.06 43.40 20.02
CA GLY C 100 -2.85 44.15 18.78
C GLY C 100 -3.13 43.40 17.48
N GLN C 101 -3.49 42.12 17.59
CA GLN C 101 -3.75 41.29 16.42
C GLN C 101 -5.16 40.71 16.45
N PRO C 102 -5.74 40.41 15.28
CA PRO C 102 -5.16 40.60 13.95
C PRO C 102 -5.32 42.05 13.52
N ASP C 103 -4.41 42.51 12.68
CA ASP C 103 -4.42 43.92 12.28
C ASP C 103 -4.40 44.15 10.77
N ASN C 104 -4.34 43.10 9.98
CA ASN C 104 -4.30 43.22 8.51
C ASN C 104 -3.29 44.25 8.05
N TRP C 105 -2.08 44.15 8.59
CA TRP C 105 -1.10 45.21 8.40
C TRP C 105 -0.76 45.36 6.92
N ASN C 106 -0.68 46.62 6.47
CA ASN C 106 -0.47 46.98 5.06
C ASN C 106 -1.48 46.32 4.10
N ASN C 107 -2.65 46.05 4.64
CA ASN C 107 -3.75 45.42 3.91
C ASN C 107 -3.45 44.09 3.29
N ALA C 108 -2.51 43.37 3.86
CA ALA C 108 -2.03 42.19 3.19
C ALA C 108 -1.77 40.98 4.07
N GLU C 109 -2.33 40.96 5.26
CA GLU C 109 -2.06 39.89 6.20
C GLU C 109 -3.31 39.03 6.39
N ASP C 110 -3.25 37.83 5.83
CA ASP C 110 -4.42 36.92 5.83
C ASP C 110 -4.15 35.55 6.43
N TYR C 111 -2.92 35.34 6.95
CA TYR C 111 -2.47 33.99 7.25
C TYR C 111 -2.03 33.88 8.69
N GLY C 112 -2.68 33.00 9.44
CA GLY C 112 -2.41 32.84 10.88
C GLY C 112 -1.17 32.08 11.23
N GLN C 113 -0.54 32.47 12.33
CA GLN C 113 0.64 31.79 12.81
C GLN C 113 0.78 32.00 14.35
N PHE C 114 1.44 31.08 15.03
CA PHE C 114 1.89 31.30 16.39
C PHE C 114 3.15 32.16 16.37
N ARG C 115 3.23 33.10 17.30
CA ARG C 115 4.51 33.71 17.65
C ARG C 115 5.31 32.75 18.53
N HIS C 116 6.63 32.92 18.60
CA HIS C 116 7.39 32.19 19.60
C HIS C 116 7.25 32.76 21.02
N THR C 117 6.76 34.01 21.11
CA THR C 117 6.51 34.68 22.33
C THR C 117 5.05 34.46 22.76
N GLU C 118 4.74 35.02 23.93
CA GLU C 118 3.38 35.04 24.44
C GLU C 118 2.69 33.67 24.43
N GLY C 119 3.40 32.60 24.81
CA GLY C 119 2.86 31.26 24.81
C GLY C 119 2.28 30.81 23.48
N GLY C 120 2.80 31.35 22.38
CA GLY C 120 2.26 31.03 21.06
C GLY C 120 1.10 31.81 20.57
N ALA C 121 0.92 33.01 21.13
CA ALA C 121 -0.22 33.82 20.75
C ALA C 121 -0.17 34.15 19.25
N TRP C 122 -1.34 34.32 18.65
CA TRP C 122 -1.47 34.33 17.22
C TRP C 122 -1.27 35.68 16.58
N ASN C 123 -0.76 35.64 15.38
CA ASN C 123 -0.60 36.81 14.51
C ASN C 123 -1.07 36.48 13.08
N ASP C 124 -1.60 37.47 12.41
CA ASP C 124 -1.86 37.42 10.98
C ASP C 124 -0.66 37.98 10.21
N ASN C 125 -0.21 37.21 9.23
CA ASN C 125 0.93 37.59 8.40
C ASN C 125 0.61 37.44 6.90
N SER C 126 1.58 37.84 6.09
CA SER C 126 1.36 38.00 4.64
C SER C 126 1.81 36.75 3.86
N ALA C 127 1.54 36.78 2.56
CA ALA C 127 1.88 35.68 1.66
C ALA C 127 3.36 35.70 1.34
N ALA C 128 4.04 36.79 1.69
CA ALA C 128 5.49 36.91 1.50
C ALA C 128 6.29 36.36 2.69
N ALA C 129 5.64 36.17 3.83
CA ALA C 129 6.33 35.85 5.07
C ALA C 129 6.68 34.39 5.06
N GLN C 130 7.69 34.05 5.85
CA GLN C 130 8.13 32.68 6.04
C GLN C 130 7.98 32.30 7.52
N ALA C 131 7.66 31.04 7.74
CA ALA C 131 7.51 30.44 9.06
C ALA C 131 7.68 28.95 8.98
N LYS C 132 7.90 28.30 10.12
CA LYS C 132 7.87 26.86 10.22
C LYS C 132 6.41 26.43 10.13
N TYR C 133 6.15 25.14 10.12
CA TYR C 133 4.74 24.71 10.06
C TYR C 133 4.50 23.40 10.76
N MET C 134 3.24 23.19 11.05
CA MET C 134 2.80 21.93 11.67
C MET C 134 1.51 21.43 11.05
N CYS C 135 1.46 20.13 10.79
CA CYS C 135 0.32 19.45 10.21
C CYS C 135 -0.41 18.65 11.28
N LYS C 136 -1.68 18.37 11.03
CA LYS C 136 -2.55 17.69 11.99
C LYS C 136 -3.42 16.76 11.16
N LEU C 137 -3.60 15.54 11.66
CA LEU C 137 -4.52 14.59 11.02
C LEU C 137 -5.82 14.66 11.75
N THR C 138 -6.92 14.66 10.98
CA THR C 138 -8.26 14.59 11.48
C THR C 138 -8.92 13.38 10.88
N PHE C 139 -9.41 12.49 11.73
CA PHE C 139 -10.03 11.24 11.28
C PHE C 139 -11.51 11.54 11.10
N GLU C 140 -11.85 11.78 9.83
CA GLU C 140 -13.18 12.17 9.42
C GLU C 140 -14.06 10.98 9.08
N ASN D 1 -8.30 7.13 20.88
CA ASN D 1 -7.18 6.41 20.13
C ASN D 1 -6.98 7.21 18.84
N GLN D 2 -5.97 6.86 18.05
CA GLN D 2 -5.69 7.59 16.80
C GLN D 2 -5.94 6.73 15.54
N CYS D 3 -6.84 5.76 15.63
CA CYS D 3 -7.24 5.04 14.45
C CYS D 3 -8.21 5.86 13.59
N PRO D 4 -8.22 5.58 12.29
CA PRO D 4 -9.25 6.16 11.44
C PRO D 4 -10.64 5.78 11.95
N THR D 5 -11.59 6.64 11.65
CA THR D 5 -12.98 6.48 12.08
C THR D 5 -13.54 5.06 11.81
N ASP D 6 -14.18 4.49 12.85
CA ASP D 6 -14.78 3.15 12.82
C ASP D 6 -13.79 1.98 12.72
N TRP D 7 -12.50 2.29 12.84
CA TRP D 7 -11.47 1.30 13.13
C TRP D 7 -11.20 1.32 14.65
N GLU D 8 -10.90 0.15 15.21
CA GLU D 8 -10.70 -0.05 16.66
C GLU D 8 -9.21 -0.18 16.91
N ALA D 9 -8.74 0.43 18.00
CA ALA D 9 -7.32 0.44 18.35
C ALA D 9 -6.94 -0.67 19.30
N GLU D 10 -5.82 -1.33 19.02
CA GLU D 10 -5.26 -2.31 19.96
C GLU D 10 -3.79 -2.39 19.69
N GLY D 11 -2.97 -1.96 20.65
CA GLY D 11 -1.55 -2.01 20.51
C GLY D 11 -1.14 -1.09 19.40
N ASP D 12 -0.29 -1.60 18.49
CA ASP D 12 0.27 -0.82 17.39
C ASP D 12 -0.59 -0.88 16.12
N HIS D 13 -1.80 -1.44 16.22
CA HIS D 13 -2.64 -1.71 15.04
C HIS D 13 -4.08 -1.19 15.19
N CYS D 14 -4.76 -1.03 14.03
CA CYS D 14 -6.15 -0.73 13.98
C CYS D 14 -6.85 -1.90 13.25
N TYR D 15 -8.07 -2.19 13.64
CA TYR D 15 -8.85 -3.34 13.12
C TYR D 15 -10.25 -2.85 12.75
N ARG D 16 -10.87 -3.46 11.73
CA ARG D 16 -12.21 -3.15 11.40
C ARG D 16 -12.92 -4.36 10.80
N PHE D 17 -14.05 -4.64 11.44
CA PHE D 17 -14.95 -5.74 11.08
C PHE D 17 -15.93 -5.28 10.01
N PHE D 18 -16.10 -6.11 8.99
CA PHE D 18 -17.10 -5.96 7.94
C PHE D 18 -18.10 -7.11 7.96
N ASN D 19 -19.33 -6.79 8.32
CA ASN D 19 -20.35 -7.79 8.55
C ASN D 19 -21.13 -8.11 7.28
N THR D 20 -20.41 -8.60 6.28
CA THR D 20 -20.95 -8.90 4.97
C THR D 20 -20.34 -10.18 4.48
N LEU D 21 -21.16 -11.10 3.98
CA LEU D 21 -20.61 -12.33 3.47
C LEU D 21 -19.90 -12.06 2.15
N THR D 22 -18.68 -12.56 2.03
CA THR D 22 -17.98 -12.48 0.76
C THR D 22 -16.93 -13.56 0.64
N THR D 23 -16.36 -13.70 -0.53
CA THR D 23 -15.30 -14.66 -0.77
C THR D 23 -13.97 -14.19 -0.16
N TRP D 24 -13.02 -15.08 0.00
CA TRP D 24 -11.69 -14.66 0.53
C TRP D 24 -11.01 -13.65 -0.38
N GLU D 25 -11.02 -13.91 -1.69
CA GLU D 25 -10.37 -13.02 -2.64
C GLU D 25 -10.98 -11.61 -2.58
N ASN D 26 -12.31 -11.52 -2.54
CA ASN D 26 -12.94 -10.22 -2.48
C ASN D 26 -12.64 -9.49 -1.17
N ALA D 27 -12.59 -10.23 -0.07
CA ALA D 27 -12.25 -9.67 1.23
C ALA D 27 -10.84 -9.16 1.23
N HIS D 28 -9.91 -9.94 0.66
CA HIS D 28 -8.51 -9.52 0.54
C HIS D 28 -8.44 -8.14 -0.13
N HIS D 29 -9.05 -8.03 -1.30
CA HIS D 29 -9.07 -6.75 -2.02
C HIS D 29 -9.76 -5.67 -1.21
N GLU D 30 -10.92 -5.97 -0.61
CA GLU D 30 -11.56 -4.94 0.19
C GLU D 30 -10.61 -4.41 1.27
N CYS D 31 -9.92 -5.29 2.01
CA CYS D 31 -8.98 -4.82 3.03
C CYS D 31 -7.82 -4.03 2.46
N VAL D 32 -7.21 -4.53 1.39
CA VAL D 32 -6.10 -3.80 0.75
C VAL D 32 -6.54 -2.37 0.26
N SER D 33 -7.82 -2.21 -0.08
CA SER D 33 -8.37 -0.94 -0.58
C SER D 33 -8.32 0.20 0.43
N TYR D 34 -8.08 -0.09 1.70
CA TYR D 34 -8.01 0.95 2.74
C TYR D 34 -6.57 1.36 3.00
N SER D 35 -5.66 0.89 2.16
CA SER D 35 -4.25 1.30 2.26
C SER D 35 -4.10 2.78 1.90
N CYS D 36 -3.06 3.37 2.46
CA CYS D 36 -2.77 4.74 2.15
C CYS D 36 -1.29 4.99 2.01
N SER D 37 -0.85 5.18 0.80
CA SER D 37 0.58 5.30 0.53
C SER D 37 1.14 6.59 1.11
N THR D 38 0.34 7.64 1.17
CA THR D 38 0.87 8.95 1.60
C THR D 38 1.19 9.01 3.06
N LEU D 39 0.61 8.13 3.85
CA LEU D 39 0.97 7.99 5.27
C LEU D 39 1.60 6.65 5.60
N ASN D 40 2.00 5.91 4.56
CA ASN D 40 2.68 4.63 4.73
C ASN D 40 1.86 3.62 5.55
N VAL D 41 0.55 3.60 5.33
CA VAL D 41 -0.37 2.69 6.01
C VAL D 41 -0.69 1.53 5.05
N ARG D 42 -0.43 0.33 5.52
CA ARG D 42 -0.74 -0.87 4.72
C ARG D 42 -1.94 -1.52 5.37
N SER D 43 -3.01 -1.73 4.60
CA SER D 43 -4.19 -2.41 5.09
C SER D 43 -4.27 -3.77 4.43
N ASP D 44 -4.73 -4.76 5.19
CA ASP D 44 -4.75 -6.13 4.73
C ASP D 44 -5.73 -6.91 5.57
N LEU D 45 -5.97 -8.18 5.18
CA LEU D 45 -6.71 -9.09 6.03
C LEU D 45 -5.92 -9.25 7.32
N VAL D 46 -6.65 -9.46 8.41
CA VAL D 46 -6.02 -9.58 9.76
C VAL D 46 -4.99 -10.73 9.83
N SER D 47 -3.80 -10.46 10.41
CA SER D 47 -2.84 -11.49 10.76
C SER D 47 -2.89 -11.60 12.31
N VAL D 48 -2.66 -12.81 12.84
CA VAL D 48 -2.84 -13.09 14.28
C VAL D 48 -1.54 -13.67 14.84
N HIS D 49 -0.90 -13.00 15.82
CA HIS D 49 0.44 -13.36 16.25
C HIS D 49 0.58 -13.86 17.68
N SER D 50 -0.55 -14.00 18.35
CA SER D 50 -0.55 -14.40 19.76
C SER D 50 -1.95 -14.75 20.22
N ALA D 51 -2.04 -15.39 21.38
CA ALA D 51 -3.33 -15.77 21.91
C ALA D 51 -4.17 -14.53 22.28
N ALA D 52 -3.50 -13.47 22.69
CA ALA D 52 -4.16 -12.21 22.99
C ALA D 52 -4.77 -11.61 21.74
N GLU D 53 -4.00 -11.60 20.65
CA GLU D 53 -4.56 -11.01 19.40
C GLU D 53 -5.70 -11.90 18.87
N GLN D 54 -5.56 -13.22 19.01
CA GLN D 54 -6.63 -14.16 18.66
C GLN D 54 -7.94 -13.79 19.39
N ALA D 55 -7.85 -13.67 20.72
CA ALA D 55 -9.02 -13.36 21.52
C ALA D 55 -9.55 -11.97 21.20
N TYR D 56 -8.66 -10.99 21.02
CA TYR D 56 -9.10 -9.65 20.66
C TYR D 56 -9.97 -9.69 19.39
N VAL D 57 -9.46 -10.33 18.35
CA VAL D 57 -10.14 -10.36 17.05
C VAL D 57 -11.44 -11.13 17.17
N PHE D 58 -11.39 -12.29 17.80
CA PHE D 58 -12.59 -13.10 18.03
C PHE D 58 -13.70 -12.36 18.81
N ASN D 59 -13.34 -11.75 19.94
CA ASN D 59 -14.30 -11.03 20.77
C ASN D 59 -14.86 -9.83 20.04
N TYR D 60 -14.02 -9.10 19.30
CA TYR D 60 -14.50 -7.96 18.52
C TYR D 60 -15.56 -8.43 17.50
N TRP D 61 -15.25 -9.46 16.73
CA TRP D 61 -16.14 -10.08 15.79
C TRP D 61 -17.45 -10.46 16.49
N ARG D 62 -17.35 -11.26 17.53
CA ARG D 62 -18.54 -11.90 18.10
C ARG D 62 -19.37 -10.93 18.94
N GLY D 63 -18.80 -9.78 19.29
CA GLY D 63 -19.56 -8.73 19.95
C GLY D 63 -20.58 -8.07 19.02
N ILE D 64 -20.36 -8.21 17.71
CA ILE D 64 -21.21 -7.64 16.67
C ILE D 64 -22.07 -8.69 15.96
N ASP D 65 -21.45 -9.81 15.62
CA ASP D 65 -22.04 -10.85 14.83
C ASP D 65 -22.33 -12.05 15.75
N SER D 66 -23.60 -12.41 15.90
CA SER D 66 -23.92 -13.61 16.70
C SER D 66 -24.44 -14.77 15.85
N GLN D 67 -24.42 -14.62 14.53
CA GLN D 67 -24.84 -15.72 13.65
C GLN D 67 -23.77 -16.81 13.60
N ALA D 68 -24.17 -18.05 13.34
CA ALA D 68 -23.21 -19.11 13.04
C ALA D 68 -22.48 -18.73 11.74
N GLY D 69 -21.15 -18.88 11.70
CA GLY D 69 -20.41 -18.67 10.46
C GLY D 69 -18.93 -18.43 10.73
N GLN D 70 -18.24 -17.94 9.71
CA GLN D 70 -16.78 -17.82 9.79
C GLN D 70 -16.32 -16.37 9.52
N LEU D 71 -15.04 -16.13 9.79
CA LEU D 71 -14.38 -14.83 9.64
C LEU D 71 -13.09 -15.03 8.87
N TRP D 72 -12.97 -14.47 7.66
CA TRP D 72 -11.73 -14.59 6.88
C TRP D 72 -10.60 -13.91 7.60
N ILE D 73 -9.46 -14.56 7.59
CA ILE D 73 -8.20 -13.93 7.98
C ILE D 73 -7.20 -14.05 6.85
N GLY D 74 -6.03 -13.43 7.02
CA GLY D 74 -5.05 -13.29 5.98
C GLY D 74 -4.15 -14.49 5.75
N LEU D 75 -4.54 -15.65 6.25
CA LEU D 75 -3.72 -16.84 6.17
C LEU D 75 -4.03 -17.61 4.91
N TYR D 76 -3.00 -18.03 4.18
CA TYR D 76 -3.23 -18.75 2.92
C TYR D 76 -2.06 -19.63 2.52
N ASP D 77 -2.33 -20.69 1.75
CA ASP D 77 -1.27 -21.56 1.23
C ASP D 77 -1.35 -21.74 -0.29
N LYS D 78 -2.02 -20.80 -0.94
CA LYS D 78 -2.21 -20.76 -2.39
C LYS D 78 -0.94 -21.01 -3.19
N TYR D 79 0.18 -20.45 -2.76
CA TYR D 79 1.43 -20.50 -3.54
C TYR D 79 2.41 -21.58 -3.10
N ASN D 80 2.04 -22.32 -2.05
CA ASN D 80 2.88 -23.43 -1.56
C ASN D 80 2.02 -24.31 -0.66
N GLU D 81 1.43 -25.34 -1.25
CA GLU D 81 0.42 -26.14 -0.60
C GLU D 81 0.95 -26.73 0.69
N GLY D 82 0.18 -26.53 1.74
CA GLY D 82 0.49 -27.03 3.06
C GLY D 82 1.33 -26.13 3.92
N ASP D 83 1.87 -25.02 3.38
CA ASP D 83 2.65 -24.10 4.16
C ASP D 83 1.92 -22.76 4.23
N PHE D 84 1.20 -22.57 5.33
CA PHE D 84 0.38 -21.37 5.47
C PHE D 84 1.22 -20.15 5.84
N ILE D 85 0.97 -19.05 5.13
CA ILE D 85 1.62 -17.74 5.36
C ILE D 85 0.61 -16.61 5.45
N TRP D 86 1.06 -15.46 5.89
CA TRP D 86 0.20 -14.28 6.02
C TRP D 86 0.31 -13.40 4.78
N THR D 87 -0.82 -12.90 4.27
CA THR D 87 -0.75 -12.01 3.10
C THR D 87 0.08 -10.76 3.37
N ASP D 88 0.10 -10.30 4.63
CA ASP D 88 0.79 -9.04 5.00
C ASP D 88 2.28 -9.21 5.19
N GLY D 89 2.79 -10.43 4.99
CA GLY D 89 4.22 -10.71 5.03
C GLY D 89 4.80 -10.93 6.42
N SER D 90 3.99 -10.84 7.48
CA SER D 90 4.47 -11.12 8.84
C SER D 90 4.71 -12.62 9.00
N LYS D 91 5.55 -12.98 9.96
CA LYS D 91 5.90 -14.39 10.13
C LYS D 91 4.77 -15.12 10.81
N VAL D 92 4.56 -16.36 10.40
CA VAL D 92 3.62 -17.23 11.10
C VAL D 92 4.28 -17.86 12.33
N GLY D 93 3.94 -17.42 13.53
CA GLY D 93 4.40 -18.08 14.75
C GLY D 93 3.19 -18.82 15.30
N TYR D 94 2.35 -18.04 15.92
CA TYR D 94 1.11 -18.49 16.51
C TYR D 94 0.16 -19.12 15.49
N THR D 95 -0.39 -20.30 15.83
CA THR D 95 -1.58 -20.81 15.15
C THR D 95 -2.59 -21.39 16.12
N LYS D 96 -3.83 -21.47 15.68
CA LYS D 96 -4.89 -22.07 16.45
C LYS D 96 -5.83 -22.84 15.53
N TRP D 97 -5.29 -23.81 14.81
CA TRP D 97 -6.12 -24.69 13.96
C TRP D 97 -7.13 -25.45 14.82
N ALA D 98 -8.37 -25.54 14.35
CA ALA D 98 -9.34 -26.49 14.87
C ALA D 98 -8.87 -27.91 14.70
N GLY D 99 -9.30 -28.81 15.59
CA GLY D 99 -9.06 -30.21 15.37
C GLY D 99 -9.44 -30.69 13.98
N GLY D 100 -8.54 -31.41 13.34
CA GLY D 100 -8.77 -31.95 12.01
C GLY D 100 -8.39 -31.03 10.86
N GLN D 101 -8.05 -29.79 11.21
CA GLN D 101 -7.63 -28.76 10.24
C GLN D 101 -6.16 -28.36 10.43
N PRO D 102 -5.51 -27.86 9.37
CA PRO D 102 -6.08 -27.76 8.02
C PRO D 102 -6.12 -29.11 7.31
N ASP D 103 -7.08 -29.27 6.42
CA ASP D 103 -7.21 -30.55 5.69
C ASP D 103 -7.21 -30.46 4.16
N ASN D 104 -7.10 -29.25 3.60
CA ASN D 104 -7.10 -29.05 2.17
C ASN D 104 -8.21 -29.86 1.47
N TRP D 105 -9.43 -29.75 1.98
CA TRP D 105 -10.57 -30.55 1.48
C TRP D 105 -10.74 -30.39 -0.04
N ASN D 106 -10.94 -31.51 -0.74
CA ASN D 106 -11.05 -31.52 -2.22
C ASN D 106 -9.84 -30.95 -2.98
N ASN D 107 -8.65 -30.96 -2.35
CA ASN D 107 -7.46 -30.31 -2.88
C ASN D 107 -7.76 -28.87 -3.34
N ALA D 108 -8.64 -28.20 -2.61
CA ALA D 108 -9.15 -26.89 -2.98
C ALA D 108 -9.27 -25.88 -1.82
N GLU D 109 -8.72 -26.14 -0.65
CA GLU D 109 -8.85 -25.21 0.48
C GLU D 109 -7.52 -24.56 0.81
N ASP D 110 -7.39 -23.26 0.50
CA ASP D 110 -6.11 -22.55 0.62
C ASP D 110 -6.25 -21.25 1.46
N TYR D 111 -7.41 -21.05 2.06
CA TYR D 111 -7.78 -19.72 2.64
C TYR D 111 -8.24 -19.87 4.08
N GLY D 112 -7.54 -19.20 5.01
CA GLY D 112 -7.80 -19.35 6.40
C GLY D 112 -8.96 -18.51 6.90
N GLN D 113 -9.63 -18.99 7.94
CA GLN D 113 -10.73 -18.29 8.57
C GLN D 113 -10.92 -18.79 10.01
N PHE D 114 -11.42 -17.93 10.89
CA PHE D 114 -11.88 -18.34 12.22
C PHE D 114 -13.25 -19.03 12.07
N ARG D 115 -13.47 -20.10 12.84
CA ARG D 115 -14.82 -20.54 13.08
C ARG D 115 -15.45 -19.66 14.18
N HIS D 116 -16.78 -19.72 14.33
CA HIS D 116 -17.45 -19.01 15.44
C HIS D 116 -17.37 -19.77 16.79
N THR D 117 -16.82 -20.98 16.78
CA THR D 117 -16.69 -21.84 17.96
C THR D 117 -15.26 -21.93 18.47
N GLU D 118 -15.12 -22.45 19.70
CA GLU D 118 -13.81 -22.74 20.28
C GLU D 118 -12.86 -21.56 20.21
N GLY D 119 -13.38 -20.38 20.52
CA GLY D 119 -12.57 -19.18 20.62
C GLY D 119 -11.99 -18.73 19.31
N GLY D 120 -12.60 -19.11 18.19
CA GLY D 120 -12.10 -18.72 16.89
C GLY D 120 -11.18 -19.71 16.21
N ALA D 121 -11.27 -21.00 16.57
CA ALA D 121 -10.36 -22.00 16.01
C ALA D 121 -10.40 -21.97 14.46
N TRP D 122 -9.22 -22.06 13.82
CA TRP D 122 -9.04 -21.80 12.40
C TRP D 122 -9.38 -23.01 11.53
N ASN D 123 -9.86 -22.71 10.34
CA ASN D 123 -10.16 -23.69 9.31
C ASN D 123 -9.64 -23.19 7.99
N ASP D 124 -9.22 -24.08 7.13
CA ASP D 124 -8.91 -23.71 5.76
C ASP D 124 -10.12 -23.97 4.92
N ASN D 125 -10.46 -23.03 4.02
CA ASN D 125 -11.65 -23.14 3.16
C ASN D 125 -11.31 -22.75 1.73
N SER D 126 -12.26 -22.93 0.80
CA SER D 126 -12.06 -22.71 -0.61
C SER D 126 -12.34 -21.29 -1.08
N ALA D 127 -12.02 -21.09 -2.36
CA ALA D 127 -12.23 -19.83 -3.08
C ALA D 127 -13.68 -19.53 -3.40
N ALA D 128 -14.55 -20.52 -3.26
CA ALA D 128 -15.99 -20.34 -3.47
C ALA D 128 -16.76 -20.04 -2.18
N ALA D 129 -16.17 -20.40 -1.05
CA ALA D 129 -16.78 -20.21 0.26
C ALA D 129 -16.99 -18.73 0.57
N GLN D 130 -17.98 -18.49 1.39
CA GLN D 130 -18.29 -17.15 1.91
C GLN D 130 -18.08 -17.04 3.41
N ALA D 131 -17.60 -15.88 3.86
CA ALA D 131 -17.47 -15.58 5.28
C ALA D 131 -17.49 -14.05 5.48
N LYS D 132 -17.64 -13.60 6.72
CA LYS D 132 -17.46 -12.21 7.10
C LYS D 132 -15.92 -11.96 7.07
N TYR D 133 -15.50 -10.72 7.24
CA TYR D 133 -14.03 -10.46 7.20
C TYR D 133 -13.62 -9.33 8.13
N MET D 134 -12.33 -9.29 8.46
CA MET D 134 -11.77 -8.24 9.32
C MET D 134 -10.45 -7.78 8.70
N CYS D 135 -10.24 -6.47 8.71
CA CYS D 135 -9.04 -5.85 8.20
C CYS D 135 -8.19 -5.31 9.35
N LYS D 136 -6.94 -5.08 9.04
CA LYS D 136 -5.94 -4.63 10.00
C LYS D 136 -5.01 -3.65 9.32
N LEU D 137 -4.71 -2.54 10.01
CA LEU D 137 -3.72 -1.57 9.51
C LEU D 137 -2.40 -1.79 10.18
N THR D 138 -1.35 -1.67 9.35
CA THR D 138 0.01 -1.72 9.80
C THR D 138 0.68 -0.42 9.34
N PHE D 139 1.27 0.30 10.28
CA PHE D 139 1.88 1.61 10.01
C PHE D 139 3.39 1.42 9.80
N GLU D 140 3.81 1.60 8.58
CA GLU D 140 5.21 1.41 8.16
C GLU D 140 5.91 2.74 7.99
#